data_1H4U
#
_entry.id   1H4U
#
_cell.length_a   95.180
_cell.length_b   95.180
_cell.length_c   65.390
_cell.angle_alpha   90.00
_cell.angle_beta   90.00
_cell.angle_gamma   120.00
#
_symmetry.space_group_name_H-M   'P 64'
#
loop_
_entity.id
_entity.type
_entity.pdbx_description
1 polymer NIDOGEN-1
2 water water
#
_entity_poly.entity_id   1
_entity_poly.type   'polypeptide(L)'
_entity_poly.pdbx_seq_one_letter_code
;CSVHAECRDYATGFCCRCVANYTGNGRQCVAEGSPQRVNGKVKGRIFVGSSQVPVVFENTDLHSYVVMNHGRSYTAISTI
PETVGYSLLPLAPIGGIIGWMFAVEQDGFKNGFSITGGEFTRQAEVTFLGHPGKLVLKQQFSGIDEHGHLTISTELEGRV
PQIPYGASVHIEPYTELYHYSSSVITSSSTREYTVMEPDQDGAAPSHTHIYQWRQTITFQECAHDDARPALPSTQQLSVD
SVFVLYNKEERILRYALSNSIGPVR
;
_entity_poly.pdbx_strand_id   A
#
# COMPACT_ATOMS: atom_id res chain seq x y z
N CYS A 1 24.62 5.46 8.92
CA CYS A 1 24.75 4.33 7.97
C CYS A 1 24.39 2.99 8.60
N SER A 2 23.82 2.09 7.79
CA SER A 2 23.42 0.77 8.25
C SER A 2 24.63 -0.09 8.59
N VAL A 3 24.47 -1.00 9.54
CA VAL A 3 25.54 -1.90 9.95
C VAL A 3 25.85 -2.93 8.85
N HIS A 4 25.23 -2.75 7.70
CA HIS A 4 25.43 -3.66 6.57
C HIS A 4 25.72 -2.85 5.31
N ALA A 5 26.23 -1.63 5.50
CA ALA A 5 26.55 -0.74 4.40
C ALA A 5 27.91 -0.06 4.58
N GLU A 6 28.52 0.36 3.47
CA GLU A 6 29.82 1.02 3.50
C GLU A 6 29.68 2.53 3.29
N CYS A 7 30.58 3.30 3.89
CA CYS A 7 30.57 4.75 3.76
C CYS A 7 31.76 5.24 2.92
N CYS A 16 25.73 6.37 2.29
CA CYS A 16 25.96 4.97 2.60
C CYS A 16 25.56 4.09 1.41
N ARG A 17 25.74 2.78 1.55
CA ARG A 17 25.40 1.84 0.49
C ARG A 17 25.50 0.41 0.97
N CYS A 18 24.43 -0.36 0.82
CA CYS A 18 24.40 -1.75 1.25
C CYS A 18 25.42 -2.57 0.45
N VAL A 19 26.17 -3.41 1.14
CA VAL A 19 27.18 -4.25 0.49
C VAL A 19 26.51 -5.49 -0.11
N ALA A 20 27.24 -6.19 -0.97
CA ALA A 20 26.72 -7.39 -1.64
C ALA A 20 25.88 -8.25 -0.70
N ASN A 21 24.94 -8.99 -1.28
CA ASN A 21 24.04 -9.86 -0.52
C ASN A 21 22.97 -9.07 0.22
N TYR A 22 23.07 -7.75 0.16
CA TYR A 22 22.11 -6.87 0.83
C TYR A 22 21.52 -5.81 -0.10
N THR A 23 20.35 -5.30 0.28
CA THR A 23 19.67 -4.28 -0.50
C THR A 23 19.00 -3.21 0.35
N GLY A 24 18.73 -2.07 -0.28
CA GLY A 24 18.09 -0.96 0.41
C GLY A 24 18.85 0.30 0.04
N ASN A 25 18.76 1.33 0.88
CA ASN A 25 19.48 2.56 0.61
C ASN A 25 20.72 2.54 1.52
N GLY A 26 21.10 3.69 2.04
CA GLY A 26 22.26 3.70 2.90
C GLY A 26 21.95 3.46 4.37
N ARG A 27 20.93 4.15 4.87
CA ARG A 27 20.54 4.04 6.26
C ARG A 27 19.86 2.71 6.65
N GLN A 28 19.19 2.08 5.70
CA GLN A 28 18.51 0.82 5.98
C GLN A 28 18.87 -0.25 4.94
N CYS A 29 19.22 -1.45 5.41
CA CYS A 29 19.58 -2.55 4.52
C CYS A 29 19.00 -3.87 5.00
N VAL A 30 18.67 -4.74 4.05
CA VAL A 30 18.11 -6.05 4.35
C VAL A 30 18.77 -7.10 3.48
N ALA A 31 18.90 -8.32 4.02
CA ALA A 31 19.49 -9.41 3.28
C ALA A 31 18.64 -9.66 2.05
N GLU A 32 19.24 -10.14 0.98
CA GLU A 32 18.50 -10.41 -0.25
C GLU A 32 17.69 -11.69 -0.14
N GLY A 33 16.42 -11.61 -0.55
CA GLY A 33 15.55 -12.77 -0.51
C GLY A 33 14.76 -13.01 0.76
N SER A 34 15.33 -12.64 1.91
CA SER A 34 14.66 -12.86 3.18
C SER A 34 13.33 -12.12 3.29
N PRO A 35 12.32 -12.78 3.88
CA PRO A 35 10.99 -12.18 4.06
C PRO A 35 11.08 -11.01 5.03
N GLN A 36 10.12 -10.10 4.97
CA GLN A 36 10.10 -8.95 5.85
C GLN A 36 8.71 -8.71 6.41
N ARG A 37 8.65 -7.96 7.51
CA ARG A 37 7.39 -7.63 8.17
C ARG A 37 7.30 -6.12 8.32
N VAL A 38 6.12 -5.57 8.05
CA VAL A 38 5.89 -4.13 8.16
C VAL A 38 4.68 -3.93 9.08
N ASN A 39 4.93 -3.50 10.32
CA ASN A 39 3.83 -3.31 11.30
C ASN A 39 3.63 -1.89 11.79
N GLY A 40 2.45 -1.64 12.35
CA GLY A 40 2.13 -0.32 12.87
C GLY A 40 0.68 -0.16 13.27
N LYS A 41 0.26 1.09 13.45
CA LYS A 41 -1.10 1.41 13.88
C LYS A 41 -1.95 2.13 12.84
N VAL A 42 -3.26 1.97 12.95
CA VAL A 42 -4.22 2.59 12.04
C VAL A 42 -5.33 3.35 12.75
N LYS A 43 -5.47 4.63 12.41
CA LYS A 43 -6.52 5.46 12.97
C LYS A 43 -7.52 5.74 11.85
N GLY A 44 -8.81 5.58 12.13
CA GLY A 44 -9.82 5.84 11.12
C GLY A 44 -10.97 6.76 11.53
N ARG A 45 -11.51 7.45 10.53
CA ARG A 45 -12.63 8.39 10.69
C ARG A 45 -13.34 8.29 9.34
N ILE A 46 -14.17 7.27 9.18
CA ILE A 46 -14.86 7.02 7.91
C ILE A 46 -16.39 7.16 7.91
N PHE A 47 -16.90 7.92 6.94
CA PHE A 47 -18.34 8.11 6.78
C PHE A 47 -18.74 7.17 5.65
N VAL A 48 -19.67 6.26 5.93
CA VAL A 48 -20.14 5.31 4.93
C VAL A 48 -21.44 5.75 4.27
N GLY A 49 -21.52 5.59 2.95
CA GLY A 49 -22.71 5.97 2.21
C GLY A 49 -23.05 7.43 2.38
N SER A 50 -24.33 7.71 2.68
CA SER A 50 -24.79 9.09 2.86
C SER A 50 -24.81 9.44 4.35
N SER A 51 -24.48 8.46 5.19
CA SER A 51 -24.48 8.66 6.62
C SER A 51 -23.68 9.88 7.06
N GLN A 52 -24.12 10.49 8.16
CA GLN A 52 -23.45 11.65 8.71
C GLN A 52 -22.79 11.25 10.03
N VAL A 53 -22.93 9.98 10.39
CA VAL A 53 -22.34 9.44 11.60
C VAL A 53 -21.10 8.62 11.21
N PRO A 54 -19.91 9.19 11.40
CA PRO A 54 -18.63 8.55 11.07
C PRO A 54 -18.17 7.45 12.01
N VAL A 55 -17.80 6.31 11.44
CA VAL A 55 -17.28 5.19 12.22
C VAL A 55 -15.85 5.57 12.60
N VAL A 56 -15.61 5.66 13.91
CA VAL A 56 -14.30 6.03 14.41
C VAL A 56 -13.61 4.86 15.10
N PHE A 57 -12.36 4.63 14.72
CA PHE A 57 -11.57 3.55 15.31
C PHE A 57 -10.14 4.02 15.42
N GLU A 58 -9.44 3.54 16.44
CA GLU A 58 -8.06 3.94 16.65
C GLU A 58 -7.27 2.85 17.36
N ASN A 59 -5.94 2.94 17.27
CA ASN A 59 -5.06 1.98 17.90
C ASN A 59 -5.22 0.59 17.28
N THR A 60 -5.79 0.54 16.09
CA THR A 60 -6.00 -0.70 15.35
C THR A 60 -4.65 -1.19 14.80
N ASP A 61 -4.46 -2.50 14.76
CA ASP A 61 -3.22 -3.11 14.32
C ASP A 61 -3.08 -3.53 12.85
N LEU A 62 -1.97 -3.11 12.24
CA LEU A 62 -1.67 -3.49 10.85
C LEU A 62 -0.39 -4.30 10.86
N HIS A 63 -0.48 -5.53 10.38
CA HIS A 63 0.67 -6.43 10.30
C HIS A 63 0.84 -6.84 8.83
N SER A 64 2.05 -6.70 8.31
CA SER A 64 2.28 -7.05 6.90
C SER A 64 3.42 -8.06 6.75
N TYR A 65 3.19 -9.07 5.93
CA TYR A 65 4.20 -10.10 5.68
C TYR A 65 4.52 -10.10 4.18
N VAL A 66 5.78 -9.93 3.83
CA VAL A 66 6.14 -9.91 2.42
C VAL A 66 7.12 -11.01 2.09
N VAL A 67 6.81 -11.74 1.02
CA VAL A 67 7.64 -12.83 0.50
C VAL A 67 8.30 -12.25 -0.75
N MET A 68 9.62 -12.37 -0.83
CA MET A 68 10.39 -11.81 -1.93
C MET A 68 10.23 -12.45 -3.31
N ASN A 69 9.92 -13.74 -3.33
CA ASN A 69 9.77 -14.47 -4.58
C ASN A 69 9.13 -13.63 -5.69
N HIS A 70 7.83 -13.38 -5.59
CA HIS A 70 7.10 -12.60 -6.59
C HIS A 70 6.72 -11.20 -6.05
N GLY A 71 7.48 -10.67 -5.11
CA GLY A 71 7.14 -9.36 -4.57
C GLY A 71 5.72 -9.36 -4.00
N ARG A 72 5.34 -10.46 -3.35
CA ARG A 72 4.01 -10.61 -2.77
C ARG A 72 3.92 -10.16 -1.32
N SER A 73 3.02 -9.23 -1.06
CA SER A 73 2.81 -8.71 0.30
C SER A 73 1.40 -9.04 0.80
N TYR A 74 1.30 -9.42 2.07
CA TYR A 74 0.01 -9.74 2.69
C TYR A 74 -0.21 -8.76 3.82
N THR A 75 -1.32 -8.04 3.77
CA THR A 75 -1.61 -7.08 4.81
C THR A 75 -2.87 -7.46 5.59
N ALA A 76 -2.76 -7.44 6.92
CA ALA A 76 -3.89 -7.75 7.80
C ALA A 76 -4.12 -6.61 8.79
N ILE A 77 -5.32 -6.04 8.74
CA ILE A 77 -5.69 -4.94 9.64
C ILE A 77 -6.76 -5.55 10.58
N SER A 78 -6.39 -5.79 11.83
CA SER A 78 -7.34 -6.43 12.77
C SER A 78 -8.10 -5.53 13.73
N THR A 79 -9.34 -5.92 13.95
CA THR A 79 -10.26 -5.20 14.81
C THR A 79 -10.88 -4.08 14.00
N ILE A 80 -11.57 -4.48 12.93
CA ILE A 80 -12.23 -3.55 12.04
C ILE A 80 -13.71 -3.84 12.16
N PRO A 81 -14.51 -2.86 12.59
CA PRO A 81 -15.95 -2.99 12.76
C PRO A 81 -16.67 -3.45 11.51
N GLU A 82 -17.71 -4.27 11.70
CA GLU A 82 -18.51 -4.77 10.61
C GLU A 82 -19.14 -3.59 9.89
N THR A 83 -19.18 -2.45 10.57
CA THR A 83 -19.75 -1.23 10.03
C THR A 83 -18.96 -0.61 8.87
N VAL A 84 -17.65 -0.91 8.79
CA VAL A 84 -16.82 -0.37 7.71
C VAL A 84 -16.05 -1.44 6.91
N GLY A 85 -15.92 -2.62 7.50
CA GLY A 85 -15.19 -3.71 6.86
C GLY A 85 -15.43 -3.93 5.39
N TYR A 86 -16.69 -4.22 5.04
CA TYR A 86 -17.06 -4.46 3.66
C TYR A 86 -16.81 -3.26 2.75
N SER A 87 -17.07 -2.06 3.26
CA SER A 87 -16.90 -0.83 2.53
C SER A 87 -15.44 -0.52 2.19
N LEU A 88 -14.52 -0.99 3.02
CA LEU A 88 -13.11 -0.76 2.80
C LEU A 88 -12.45 -1.79 1.88
N LEU A 89 -13.21 -2.81 1.47
CA LEU A 89 -12.65 -3.88 0.63
C LEU A 89 -11.92 -3.43 -0.64
N PRO A 90 -12.45 -2.40 -1.34
CA PRO A 90 -11.80 -1.94 -2.56
C PRO A 90 -10.46 -1.23 -2.38
N LEU A 91 -10.19 -0.76 -1.16
CA LEU A 91 -8.98 0.00 -0.88
C LEU A 91 -7.67 -0.76 -0.72
N ALA A 92 -7.42 -1.71 -1.61
CA ALA A 92 -6.18 -2.49 -1.55
C ALA A 92 -4.90 -1.62 -1.47
N PRO A 93 -4.89 -0.42 -2.08
CA PRO A 93 -3.70 0.44 -2.02
C PRO A 93 -3.22 0.79 -0.62
N ILE A 94 -4.11 0.63 0.38
CA ILE A 94 -3.73 0.90 1.75
C ILE A 94 -2.53 0.01 2.03
N GLY A 95 -2.60 -1.22 1.56
CA GLY A 95 -1.51 -2.16 1.73
C GLY A 95 -0.61 -2.28 0.50
N GLY A 96 -1.11 -1.83 -0.65
CA GLY A 96 -0.36 -1.89 -1.90
C GLY A 96 0.96 -1.13 -1.89
N ILE A 97 1.03 -0.07 -1.08
CA ILE A 97 2.27 0.70 -0.96
C ILE A 97 3.44 -0.21 -0.59
N ILE A 98 3.19 -1.25 0.22
CA ILE A 98 4.23 -2.19 0.64
C ILE A 98 4.64 -3.09 -0.52
N GLY A 99 3.68 -3.41 -1.38
CA GLY A 99 3.99 -4.21 -2.55
C GLY A 99 4.94 -3.42 -3.46
N TRP A 100 4.74 -2.11 -3.53
CA TRP A 100 5.59 -1.22 -4.33
C TRP A 100 6.98 -1.23 -3.70
N MET A 101 7.03 -1.16 -2.37
CA MET A 101 8.29 -1.17 -1.64
C MET A 101 9.17 -2.37 -1.97
N PHE A 102 8.55 -3.55 -2.08
CA PHE A 102 9.34 -4.75 -2.35
C PHE A 102 9.08 -5.46 -3.67
N ALA A 103 8.71 -4.69 -4.69
CA ALA A 103 8.44 -5.28 -6.00
C ALA A 103 9.68 -5.95 -6.58
N VAL A 104 9.47 -6.97 -7.42
CA VAL A 104 10.57 -7.66 -8.08
C VAL A 104 11.22 -6.66 -9.05
N GLU A 105 12.52 -6.44 -8.90
CA GLU A 105 13.22 -5.50 -9.76
C GLU A 105 13.68 -6.08 -11.09
N GLN A 106 13.52 -5.30 -12.15
CA GLN A 106 13.94 -5.72 -13.48
C GLN A 106 15.15 -4.90 -13.87
N ASP A 107 16.03 -5.50 -14.67
CA ASP A 107 17.26 -4.88 -15.15
C ASP A 107 17.66 -3.59 -14.42
N GLY A 108 17.42 -2.45 -15.05
CA GLY A 108 17.78 -1.19 -14.42
C GLY A 108 16.63 -0.45 -13.74
N PHE A 109 15.93 -1.15 -12.84
CA PHE A 109 14.82 -0.53 -12.12
C PHE A 109 14.72 -0.99 -10.67
N LYS A 110 14.77 -0.04 -9.75
CA LYS A 110 14.70 -0.31 -8.33
C LYS A 110 13.30 -0.20 -7.74
N ASN A 111 13.04 -0.95 -6.66
CA ASN A 111 11.74 -0.91 -6.00
C ASN A 111 11.77 0.16 -4.93
N GLY A 112 10.62 0.40 -4.29
CA GLY A 112 10.52 1.43 -3.27
C GLY A 112 11.50 1.37 -2.10
N PHE A 113 11.84 0.17 -1.64
CA PHE A 113 12.77 0.06 -0.52
C PHE A 113 14.18 0.45 -0.93
N SER A 114 14.59 0.05 -2.13
CA SER A 114 15.93 0.39 -2.62
C SER A 114 16.06 1.90 -2.75
N ILE A 115 14.93 2.56 -2.99
CA ILE A 115 14.91 4.01 -3.15
C ILE A 115 14.76 4.79 -1.85
N THR A 116 13.92 4.29 -0.94
CA THR A 116 13.63 4.98 0.31
C THR A 116 14.22 4.40 1.61
N GLY A 117 14.64 3.15 1.58
CA GLY A 117 15.16 2.55 2.79
C GLY A 117 14.04 2.40 3.81
N GLY A 118 12.81 2.56 3.35
CA GLY A 118 11.66 2.44 4.24
C GLY A 118 11.44 3.70 5.03
N GLU A 119 12.13 4.77 4.66
CA GLU A 119 11.99 6.07 5.34
C GLU A 119 11.31 7.05 4.40
N PHE A 120 10.04 7.35 4.64
CA PHE A 120 9.31 8.28 3.78
C PHE A 120 7.89 8.55 4.25
N THR A 121 7.23 9.48 3.57
CA THR A 121 5.85 9.84 3.89
C THR A 121 5.04 9.68 2.61
N ARG A 122 3.79 9.25 2.76
CA ARG A 122 2.93 9.06 1.60
C ARG A 122 1.57 9.67 1.88
N GLN A 123 1.08 10.44 0.92
CA GLN A 123 -0.23 11.05 1.03
C GLN A 123 -0.98 10.61 -0.22
N ALA A 124 -2.18 10.05 -0.03
CA ALA A 124 -2.98 9.58 -1.15
C ALA A 124 -4.43 10.01 -1.00
N GLU A 125 -5.08 10.21 -2.14
CA GLU A 125 -6.48 10.61 -2.19
C GLU A 125 -7.23 9.69 -3.14
N VAL A 126 -8.48 9.38 -2.83
CA VAL A 126 -9.28 8.51 -3.68
C VAL A 126 -10.66 9.06 -3.92
N THR A 127 -11.10 9.03 -5.17
CA THR A 127 -12.43 9.51 -5.52
C THR A 127 -13.20 8.41 -6.23
N PHE A 128 -14.41 8.14 -5.74
CA PHE A 128 -15.28 7.14 -6.35
C PHE A 128 -16.23 7.93 -7.23
N LEU A 129 -16.11 7.78 -8.54
CA LEU A 129 -16.95 8.52 -9.47
C LEU A 129 -18.45 8.23 -9.30
N GLY A 130 -19.26 9.28 -9.32
CA GLY A 130 -20.69 9.10 -9.18
C GLY A 130 -21.11 9.17 -7.73
N HIS A 131 -20.13 9.30 -6.86
CA HIS A 131 -20.38 9.36 -5.42
C HIS A 131 -19.69 10.58 -4.83
N PRO A 132 -20.35 11.25 -3.88
CA PRO A 132 -19.86 12.45 -3.18
C PRO A 132 -18.64 12.24 -2.29
N GLY A 133 -17.91 13.33 -2.06
CA GLY A 133 -16.74 13.28 -1.20
C GLY A 133 -15.53 12.53 -1.72
N LYS A 134 -14.59 12.27 -0.82
CA LYS A 134 -13.36 11.56 -1.15
C LYS A 134 -12.74 11.03 0.13
N LEU A 135 -11.80 10.11 -0.02
CA LEU A 135 -11.11 9.54 1.13
C LEU A 135 -9.64 9.89 1.05
N VAL A 136 -9.11 10.49 2.11
CA VAL A 136 -7.71 10.88 2.17
C VAL A 136 -6.91 9.94 3.07
N LEU A 137 -5.73 9.57 2.60
CA LEU A 137 -4.84 8.68 3.34
C LEU A 137 -3.47 9.31 3.57
N LYS A 138 -2.94 9.08 4.77
CA LYS A 138 -1.64 9.60 5.15
C LYS A 138 -0.86 8.53 5.90
N GLN A 139 0.33 8.20 5.40
CA GLN A 139 1.16 7.19 6.03
C GLN A 139 2.60 7.65 6.23
N GLN A 140 3.22 7.13 7.28
CA GLN A 140 4.60 7.44 7.63
C GLN A 140 5.37 6.14 7.84
N PHE A 141 6.55 6.05 7.22
CA PHE A 141 7.41 4.88 7.33
C PHE A 141 8.70 5.33 8.02
N SER A 142 9.13 4.59 9.03
CA SER A 142 10.33 4.99 9.78
C SER A 142 11.43 3.94 9.93
N GLY A 143 11.79 3.29 8.83
CA GLY A 143 12.84 2.29 8.89
C GLY A 143 12.59 1.12 9.84
N ILE A 144 13.63 0.31 10.02
CA ILE A 144 13.57 -0.88 10.87
C ILE A 144 13.57 -0.53 12.36
N ASP A 145 12.75 -1.24 13.14
CA ASP A 145 12.70 -0.98 14.58
C ASP A 145 13.56 -1.94 15.41
N GLU A 146 13.60 -1.69 16.72
CA GLU A 146 14.40 -2.50 17.64
C GLU A 146 14.23 -4.02 17.47
N HIS A 147 13.08 -4.44 16.95
CA HIS A 147 12.82 -5.87 16.76
C HIS A 147 13.12 -6.33 15.33
N GLY A 148 13.74 -5.47 14.54
CA GLY A 148 14.07 -5.83 13.18
C GLY A 148 12.88 -5.82 12.22
N HIS A 149 11.87 -5.04 12.54
CA HIS A 149 10.68 -4.95 11.69
C HIS A 149 10.49 -3.56 11.13
N LEU A 150 10.10 -3.47 9.86
CA LEU A 150 9.85 -2.19 9.23
C LEU A 150 8.64 -1.59 9.93
N THR A 151 8.54 -0.26 9.87
CA THR A 151 7.45 0.45 10.54
C THR A 151 6.55 1.27 9.62
N ILE A 152 5.26 1.33 9.97
CA ILE A 152 4.27 2.08 9.19
C ILE A 152 3.08 2.57 10.00
N SER A 153 2.82 3.87 9.98
CA SER A 153 1.68 4.44 10.68
C SER A 153 0.67 4.88 9.64
N THR A 154 -0.60 4.54 9.88
CA THR A 154 -1.64 4.85 8.91
C THR A 154 -2.81 5.66 9.47
N GLU A 155 -3.16 6.72 8.74
CA GLU A 155 -4.27 7.58 9.11
C GLU A 155 -5.23 7.72 7.94
N LEU A 156 -6.48 7.32 8.14
CA LEU A 156 -7.52 7.39 7.12
C LEU A 156 -8.65 8.32 7.55
N GLU A 157 -9.17 9.12 6.62
CA GLU A 157 -10.26 10.04 6.93
C GLU A 157 -11.01 10.49 5.68
N GLY A 158 -12.33 10.29 5.68
CA GLY A 158 -13.13 10.68 4.54
C GLY A 158 -14.38 9.85 4.30
N ARG A 159 -14.94 9.95 3.10
CA ARG A 159 -16.15 9.24 2.73
C ARG A 159 -15.93 8.14 1.70
N VAL A 160 -16.70 7.07 1.84
CA VAL A 160 -16.61 5.92 0.96
C VAL A 160 -18.03 5.41 0.67
N PRO A 161 -18.29 4.94 -0.56
CA PRO A 161 -19.63 4.44 -0.85
C PRO A 161 -19.94 3.26 0.08
N GLN A 162 -21.21 2.85 0.14
CA GLN A 162 -21.58 1.74 1.01
C GLN A 162 -21.62 0.42 0.28
N ILE A 163 -21.04 -0.60 0.90
CA ILE A 163 -21.04 -1.93 0.32
C ILE A 163 -21.87 -2.83 1.26
N PRO A 164 -22.82 -3.57 0.70
CA PRO A 164 -23.69 -4.48 1.46
C PRO A 164 -22.94 -5.45 2.36
N TYR A 165 -23.46 -5.68 3.56
CA TYR A 165 -22.85 -6.63 4.48
C TYR A 165 -22.78 -7.98 3.78
N GLY A 166 -21.66 -8.69 3.95
CA GLY A 166 -21.50 -9.98 3.33
C GLY A 166 -21.13 -9.92 1.85
N ALA A 167 -21.14 -8.74 1.27
CA ALA A 167 -20.79 -8.60 -0.14
C ALA A 167 -19.32 -8.99 -0.37
N SER A 168 -19.00 -9.31 -1.62
CA SER A 168 -17.66 -9.73 -2.03
C SER A 168 -17.06 -8.64 -2.94
N VAL A 169 -15.74 -8.66 -3.17
CA VAL A 169 -15.08 -7.66 -4.04
C VAL A 169 -13.91 -8.23 -4.85
N HIS A 170 -13.89 -7.97 -6.16
CA HIS A 170 -12.80 -8.47 -7.02
C HIS A 170 -12.01 -7.39 -7.80
N ILE A 171 -10.69 -7.57 -7.87
CA ILE A 171 -9.79 -6.64 -8.57
C ILE A 171 -8.88 -7.40 -9.52
N GLU A 172 -8.96 -7.07 -10.81
CA GLU A 172 -8.15 -7.70 -11.86
C GLU A 172 -6.74 -7.09 -11.91
N PRO A 173 -5.79 -7.76 -12.59
CA PRO A 173 -4.42 -7.25 -12.71
C PRO A 173 -4.42 -5.83 -13.29
N TYR A 174 -3.38 -5.05 -12.98
CA TYR A 174 -3.29 -3.67 -13.47
C TYR A 174 -1.88 -3.10 -13.40
N THR A 175 -1.64 -1.98 -14.09
CA THR A 175 -0.32 -1.35 -14.08
C THR A 175 -0.39 0.10 -13.60
N GLU A 176 0.70 0.57 -13.01
CA GLU A 176 0.73 1.94 -12.50
C GLU A 176 2.04 2.61 -12.84
N LEU A 177 1.98 3.87 -13.24
CA LEU A 177 3.20 4.62 -13.56
C LEU A 177 3.59 5.51 -12.39
N TYR A 178 4.82 5.34 -11.91
CA TYR A 178 5.33 6.16 -10.82
C TYR A 178 6.35 7.13 -11.40
N HIS A 179 6.05 8.42 -11.30
CA HIS A 179 6.90 9.47 -11.82
C HIS A 179 7.88 9.98 -10.79
N TYR A 180 9.15 10.08 -11.18
CA TYR A 180 10.20 10.53 -10.28
C TYR A 180 10.82 11.88 -10.65
N SER A 181 10.93 12.77 -9.66
CA SER A 181 11.53 14.08 -9.86
C SER A 181 11.86 14.78 -8.55
N SER A 182 13.15 15.00 -8.30
CA SER A 182 13.63 15.70 -7.12
C SER A 182 13.19 15.15 -5.75
N SER A 183 13.53 13.90 -5.46
CA SER A 183 13.18 13.31 -4.18
C SER A 183 11.67 13.24 -3.92
N VAL A 184 10.89 13.20 -5.00
CA VAL A 184 9.44 13.12 -4.89
C VAL A 184 8.90 12.19 -5.97
N ILE A 185 8.00 11.30 -5.58
CA ILE A 185 7.40 10.37 -6.53
C ILE A 185 5.88 10.55 -6.48
N THR A 186 5.30 10.71 -7.67
CA THR A 186 3.87 10.93 -7.79
C THR A 186 3.24 9.91 -8.73
N SER A 187 1.95 9.65 -8.53
CA SER A 187 1.23 8.67 -9.33
C SER A 187 -0.25 9.02 -9.40
N SER A 188 -0.88 8.68 -10.52
CA SER A 188 -2.30 8.96 -10.73
C SER A 188 -2.88 7.82 -11.56
N SER A 189 -3.97 7.22 -11.10
CA SER A 189 -4.55 6.07 -11.79
C SER A 189 -6.07 5.91 -11.63
N THR A 190 -6.73 5.57 -12.73
CA THR A 190 -8.17 5.34 -12.73
C THR A 190 -8.37 3.84 -12.97
N ARG A 191 -8.98 3.16 -11.99
CA ARG A 191 -9.19 1.71 -12.09
C ARG A 191 -10.60 1.26 -11.73
N GLU A 192 -10.91 -0.01 -11.98
CA GLU A 192 -12.22 -0.53 -11.68
C GLU A 192 -12.17 -1.75 -10.77
N TYR A 193 -13.29 -2.01 -10.09
CA TYR A 193 -13.43 -3.13 -9.18
C TYR A 193 -14.89 -3.62 -9.24
N THR A 194 -15.10 -4.91 -8.94
CA THR A 194 -16.44 -5.48 -8.98
C THR A 194 -16.98 -5.89 -7.61
N VAL A 195 -18.25 -5.55 -7.37
CA VAL A 195 -18.92 -5.86 -6.12
C VAL A 195 -19.96 -6.96 -6.36
N MET A 196 -19.89 -8.03 -5.58
CA MET A 196 -20.85 -9.12 -5.71
C MET A 196 -21.65 -9.34 -4.43
N GLU A 197 -22.97 -9.26 -4.55
CA GLU A 197 -23.85 -9.43 -3.41
C GLU A 197 -23.78 -10.82 -2.76
N PRO A 198 -24.23 -10.92 -1.50
CA PRO A 198 -24.23 -12.18 -0.73
C PRO A 198 -24.94 -13.34 -1.44
N PRO A 205 -25.13 -11.85 -8.99
CA PRO A 205 -25.33 -10.42 -9.29
C PRO A 205 -24.08 -9.59 -9.01
N SER A 206 -23.51 -8.99 -10.05
CA SER A 206 -22.32 -8.16 -9.94
C SER A 206 -22.56 -6.68 -10.27
N HIS A 207 -21.65 -5.83 -9.80
CA HIS A 207 -21.73 -4.39 -10.04
C HIS A 207 -20.33 -3.80 -10.16
N THR A 208 -19.94 -3.40 -11.36
CA THR A 208 -18.63 -2.82 -11.59
C THR A 208 -18.64 -1.33 -11.25
N HIS A 209 -17.54 -0.87 -10.66
CA HIS A 209 -17.40 0.53 -10.26
C HIS A 209 -15.99 1.02 -10.56
N ILE A 210 -15.78 2.32 -10.50
CA ILE A 210 -14.46 2.86 -10.76
C ILE A 210 -14.10 3.98 -9.81
N TYR A 211 -12.82 4.03 -9.46
CA TYR A 211 -12.31 5.08 -8.59
C TYR A 211 -10.96 5.58 -9.11
N GLN A 212 -10.59 6.77 -8.67
CA GLN A 212 -9.35 7.38 -9.13
C GLN A 212 -8.42 7.61 -7.95
N TRP A 213 -7.18 7.12 -8.08
CA TRP A 213 -6.17 7.29 -7.04
C TRP A 213 -5.10 8.30 -7.43
N ARG A 214 -4.71 9.13 -6.47
CA ARG A 214 -3.67 10.16 -6.64
C ARG A 214 -2.74 9.91 -5.47
N GLN A 215 -1.43 9.98 -5.72
CA GLN A 215 -0.46 9.65 -4.70
C GLN A 215 0.84 10.50 -4.75
N THR A 216 1.37 10.86 -3.58
CA THR A 216 2.63 11.61 -3.51
C THR A 216 3.53 10.99 -2.45
N ILE A 217 4.72 10.58 -2.86
CA ILE A 217 5.69 9.95 -1.96
C ILE A 217 6.93 10.82 -1.80
N THR A 218 7.20 11.22 -0.56
CA THR A 218 8.33 12.09 -0.22
C THR A 218 9.39 11.39 0.62
N PHE A 219 10.65 11.59 0.26
CA PHE A 219 11.77 10.97 0.96
C PHE A 219 13.04 11.79 0.78
N GLN A 220 14.12 11.36 1.42
CA GLN A 220 15.40 12.06 1.33
C GLN A 220 16.48 11.23 0.66
N GLU A 221 17.28 11.87 -0.19
CA GLU A 221 18.35 11.17 -0.89
C GLU A 221 19.72 11.76 -0.54
N CYS A 222 20.73 10.90 -0.51
CA CYS A 222 22.10 11.28 -0.19
C CYS A 222 22.62 12.34 -1.16
N PRO A 229 24.30 8.30 -11.29
CA PRO A 229 23.34 8.02 -12.38
C PRO A 229 21.91 8.10 -11.89
N ALA A 230 21.31 9.28 -11.98
CA ALA A 230 19.94 9.52 -11.53
C ALA A 230 18.96 8.40 -11.89
N LEU A 231 17.85 8.36 -11.18
CA LEU A 231 16.81 7.35 -11.39
C LEU A 231 15.94 7.66 -12.60
N PRO A 232 15.38 6.61 -13.24
CA PRO A 232 14.51 6.78 -14.41
C PRO A 232 13.34 7.68 -14.03
N SER A 233 13.00 8.61 -14.92
CA SER A 233 11.92 9.56 -14.66
C SER A 233 10.58 8.87 -14.53
N THR A 234 10.46 7.68 -15.10
CA THR A 234 9.21 6.95 -15.04
C THR A 234 9.44 5.45 -14.89
N GLN A 235 8.73 4.83 -13.95
CA GLN A 235 8.82 3.38 -13.74
C GLN A 235 7.39 2.84 -13.71
N GLN A 236 7.22 1.61 -14.18
CA GLN A 236 5.92 0.99 -14.22
C GLN A 236 5.84 -0.19 -13.25
N LEU A 237 4.79 -0.17 -12.42
CA LEU A 237 4.53 -1.22 -11.44
C LEU A 237 3.45 -2.13 -12.00
N SER A 238 3.72 -3.44 -12.06
CA SER A 238 2.73 -4.39 -12.55
C SER A 238 2.18 -5.20 -11.37
N VAL A 239 0.88 -5.09 -11.13
CA VAL A 239 0.20 -5.75 -10.03
C VAL A 239 -0.76 -6.85 -10.50
N ASP A 240 -0.64 -8.05 -9.91
CA ASP A 240 -1.54 -9.16 -10.24
C ASP A 240 -1.82 -10.06 -9.02
N SER A 241 -2.66 -11.07 -9.21
CA SER A 241 -3.02 -12.00 -8.13
C SER A 241 -3.47 -11.23 -6.88
N VAL A 242 -4.43 -10.33 -7.09
CA VAL A 242 -4.94 -9.49 -6.02
C VAL A 242 -6.13 -10.12 -5.31
N PHE A 243 -6.10 -10.09 -3.98
CA PHE A 243 -7.20 -10.61 -3.18
C PHE A 243 -7.46 -9.65 -2.02
N VAL A 244 -8.72 -9.31 -1.81
CA VAL A 244 -9.11 -8.46 -0.71
C VAL A 244 -10.22 -9.23 0.01
N LEU A 245 -10.13 -9.30 1.34
CA LEU A 245 -11.09 -10.05 2.15
C LEU A 245 -11.44 -9.41 3.48
N TYR A 246 -12.69 -9.62 3.91
CA TYR A 246 -13.16 -9.12 5.20
C TYR A 246 -13.99 -10.19 5.90
N ASN A 247 -13.55 -10.58 7.09
CA ASN A 247 -14.21 -11.61 7.87
C ASN A 247 -14.95 -11.03 9.09
N LYS A 248 -16.27 -11.09 9.03
CA LYS A 248 -17.12 -10.58 10.11
C LYS A 248 -16.83 -11.27 11.43
N GLU A 249 -16.59 -12.57 11.38
CA GLU A 249 -16.29 -13.35 12.57
C GLU A 249 -15.06 -12.81 13.31
N GLU A 250 -13.91 -12.82 12.63
CA GLU A 250 -12.66 -12.36 13.21
C GLU A 250 -12.47 -10.85 13.11
N ARG A 251 -13.28 -10.19 12.30
CA ARG A 251 -13.19 -8.75 12.12
C ARG A 251 -11.79 -8.37 11.62
N ILE A 252 -11.32 -9.08 10.60
CA ILE A 252 -10.00 -8.80 10.05
C ILE A 252 -10.03 -8.46 8.57
N LEU A 253 -9.54 -7.27 8.25
CA LEU A 253 -9.46 -6.79 6.87
C LEU A 253 -8.11 -7.18 6.27
N ARG A 254 -8.14 -7.89 5.14
CA ARG A 254 -6.90 -8.33 4.49
C ARG A 254 -6.76 -7.92 3.01
N TYR A 255 -5.52 -7.59 2.62
CA TYR A 255 -5.19 -7.23 1.23
C TYR A 255 -3.91 -7.97 0.86
N ALA A 256 -3.93 -8.65 -0.28
CA ALA A 256 -2.77 -9.40 -0.77
C ALA A 256 -2.57 -9.14 -2.27
N LEU A 257 -1.32 -8.95 -2.70
CA LEU A 257 -1.00 -8.72 -4.11
C LEU A 257 0.48 -8.94 -4.47
N SER A 258 0.74 -9.29 -5.74
CA SER A 258 2.12 -9.51 -6.21
C SER A 258 2.58 -8.29 -7.03
N ASN A 259 3.90 -8.04 -7.05
CA ASN A 259 4.40 -6.85 -7.71
C ASN A 259 5.71 -6.98 -8.50
N SER A 260 5.81 -6.20 -9.58
CA SER A 260 6.98 -6.11 -10.46
C SER A 260 7.16 -4.66 -10.92
N ILE A 261 8.37 -4.15 -10.77
CA ILE A 261 8.70 -2.77 -11.15
C ILE A 261 9.66 -2.79 -12.35
N GLY A 262 9.36 -1.98 -13.37
CA GLY A 262 10.20 -1.93 -14.56
C GLY A 262 9.81 -0.83 -15.54
N PRO A 263 10.06 -1.02 -16.86
CA PRO A 263 9.71 -0.01 -17.88
C PRO A 263 8.43 -0.32 -18.66
N VAL A 264 7.80 0.73 -19.19
CA VAL A 264 6.60 0.57 -20.00
C VAL A 264 6.95 -0.28 -21.21
N ARG A 265 6.07 -1.20 -21.60
CA ARG A 265 6.31 -2.07 -22.74
C ARG A 265 5.11 -2.15 -23.68
#